data_8OMI
#
_entry.id   8OMI
#
_cell.length_a   102.820
_cell.length_b   102.820
_cell.length_c   111.610
_cell.angle_alpha   90.000
_cell.angle_beta   90.000
_cell.angle_gamma   90.000
#
_symmetry.space_group_name_H-M   'I 41 2 2'
#
loop_
_entity.id
_entity.type
_entity.pdbx_description
1 polymer Kinase
2 non-polymer 'MAGNESIUM ION'
3 non-polymer "ADENOSINE-5'-TRIPHOSPHATE"
4 non-polymer 'ACETATE ION'
5 non-polymer 1,2-ETHANEDIOL
6 water water
#
_entity_poly.entity_id   1
_entity_poly.type   'polypeptide(L)'
_entity_poly.pdbx_seq_one_letter_code
;GSFTQQLHPDGQYLLKPCLSHRERDFYLHIKDDKEWTGTGIIPKFYGVELHEFGFGELEFIRVENLMYKYKRPFVLDLKI
GTQTWDPETASSKMKKRLVVDSTSTTTSLGVRFSGMERNIGEEKPILYSRYLCTHEVNTRDSLKEYIKLFFNDGKKYRKE
LVPYFISQLDKMIEVMKKREYKMFSSSVLFVYDSTTTLEDKKYNCKMIDFAHNWILSEEECTVEDGFLFGLNNLKSILED
IENEFKSL
;
_entity_poly.pdbx_strand_id   A
#
loop_
_chem_comp.id
_chem_comp.type
_chem_comp.name
_chem_comp.formula
ACT non-polymer 'ACETATE ION' 'C2 H3 O2 -1'
ATP non-polymer ADENOSINE-5'-TRIPHOSPHATE 'C10 H16 N5 O13 P3'
EDO non-polymer 1,2-ETHANEDIOL 'C2 H6 O2'
MG non-polymer 'MAGNESIUM ION' 'Mg 2'
#
# COMPACT_ATOMS: atom_id res chain seq x y z
N PRO A 9 -3.72 7.93 -16.46
CA PRO A 9 -3.72 6.90 -15.41
C PRO A 9 -4.93 5.98 -15.51
N ASP A 10 -5.48 5.82 -16.71
CA ASP A 10 -6.73 5.08 -16.93
C ASP A 10 -6.56 4.03 -18.03
N GLY A 11 -5.51 3.22 -17.92
CA GLY A 11 -5.31 2.09 -18.79
C GLY A 11 -5.44 0.78 -18.02
N GLN A 12 -5.35 -0.32 -18.76
CA GLN A 12 -5.38 -1.64 -18.12
C GLN A 12 -4.17 -1.87 -17.24
N TYR A 13 -3.00 -1.36 -17.63
CA TYR A 13 -1.73 -1.80 -17.09
C TYR A 13 -0.95 -0.67 -16.46
N LEU A 14 0.01 -1.07 -15.61
CA LEU A 14 1.11 -0.23 -15.18
C LEU A 14 2.39 -0.88 -15.63
N LEU A 15 3.16 -0.17 -16.47
CA LEU A 15 4.44 -0.67 -16.97
C LEU A 15 5.53 0.05 -16.20
N LYS A 16 6.04 -0.60 -15.15
CA LYS A 16 6.93 0.05 -14.20
C LYS A 16 8.37 -0.34 -14.49
N PRO A 17 9.26 0.63 -14.70
CA PRO A 17 10.67 0.28 -14.98
C PRO A 17 11.33 -0.42 -13.80
N CYS A 18 12.27 -1.30 -14.12
CA CYS A 18 13.06 -2.01 -13.12
C CYS A 18 14.33 -1.21 -12.87
N LEU A 19 14.28 -0.28 -11.91
CA LEU A 19 15.45 0.51 -11.56
C LEU A 19 16.41 -0.24 -10.65
N SER A 20 15.96 -1.36 -10.08
CA SER A 20 16.81 -2.28 -9.34
C SER A 20 16.20 -3.67 -9.46
N HIS A 21 16.97 -4.68 -9.05
CA HIS A 21 16.56 -6.06 -9.23
C HIS A 21 15.49 -6.51 -8.25
N ARG A 22 15.29 -5.80 -7.14
CA ARG A 22 14.54 -6.36 -6.02
C ARG A 22 13.06 -6.54 -6.33
N GLU A 23 12.41 -5.52 -6.90
CA GLU A 23 10.99 -5.67 -7.21
C GLU A 23 10.77 -6.74 -8.26
N ARG A 24 11.58 -6.75 -9.31
CA ARG A 24 11.44 -7.77 -10.34
C ARG A 24 11.67 -9.16 -9.77
N ASP A 25 12.70 -9.31 -8.93
CA ASP A 25 13.01 -10.63 -8.38
C ASP A 25 11.90 -11.14 -7.47
N PHE A 26 11.29 -10.23 -6.70
CA PHE A 26 10.20 -10.65 -5.82
C PHE A 26 9.02 -11.19 -6.61
N TYR A 27 8.59 -10.46 -7.64
CA TYR A 27 7.46 -10.92 -8.45
C TYR A 27 7.77 -12.26 -9.10
N LEU A 28 8.99 -12.41 -9.61
CA LEU A 28 9.40 -13.67 -10.23
C LEU A 28 9.44 -14.80 -9.20
N HIS A 29 9.84 -14.49 -7.96
CA HIS A 29 9.97 -15.51 -6.94
C HIS A 29 8.62 -16.10 -6.53
N ILE A 30 7.57 -15.26 -6.49
CA ILE A 30 6.26 -15.69 -6.02
C ILE A 30 5.31 -15.99 -7.16
N LYS A 31 5.79 -15.98 -8.40
CA LYS A 31 4.89 -15.99 -9.56
C LYS A 31 4.12 -17.30 -9.69
N ASP A 32 4.62 -18.41 -9.12
CA ASP A 32 3.87 -19.66 -9.11
C ASP A 32 3.39 -20.05 -7.71
N ASP A 33 3.38 -19.11 -6.77
CA ASP A 33 2.91 -19.38 -5.41
C ASP A 33 1.46 -18.91 -5.33
N LYS A 34 0.54 -19.86 -5.13
CA LYS A 34 -0.88 -19.53 -5.10
C LYS A 34 -1.23 -18.64 -3.92
N GLU A 35 -0.49 -18.75 -2.82
CA GLU A 35 -0.73 -17.92 -1.65
C GLU A 35 -0.52 -16.45 -1.96
N TRP A 36 0.33 -16.13 -2.93
CA TRP A 36 0.58 -14.75 -3.32
C TRP A 36 -0.26 -14.33 -4.52
N THR A 37 -0.39 -15.19 -5.54
CA THR A 37 -1.05 -14.82 -6.78
C THR A 37 -2.52 -15.21 -6.82
N GLY A 38 -2.99 -16.07 -5.93
CA GLY A 38 -4.37 -16.50 -5.97
C GLY A 38 -5.26 -15.88 -4.90
N THR A 39 -4.65 -15.09 -4.02
CA THR A 39 -5.37 -14.50 -2.90
C THR A 39 -5.81 -13.06 -3.14
N GLY A 40 -5.38 -12.44 -4.24
CA GLY A 40 -5.74 -11.07 -4.52
C GLY A 40 -5.18 -10.05 -3.56
N ILE A 41 -3.98 -10.30 -3.02
CA ILE A 41 -3.35 -9.38 -2.08
C ILE A 41 -2.26 -8.52 -2.73
N ILE A 42 -1.84 -8.85 -3.94
CA ILE A 42 -0.89 -8.02 -4.69
C ILE A 42 -1.42 -7.86 -6.11
N PRO A 43 -0.98 -6.81 -6.83
CA PRO A 43 -1.47 -6.62 -8.19
C PRO A 43 -1.11 -7.81 -9.08
N LYS A 44 -2.00 -8.11 -10.02
CA LYS A 44 -1.76 -9.17 -10.98
C LYS A 44 -0.50 -8.88 -11.78
N PHE A 45 0.36 -9.89 -11.91
CA PHE A 45 1.68 -9.75 -12.54
C PHE A 45 1.63 -10.42 -13.91
N TYR A 46 1.93 -9.66 -14.97
CA TYR A 46 1.91 -10.21 -16.31
C TYR A 46 3.27 -10.69 -16.79
N GLY A 47 4.34 -10.11 -16.29
CA GLY A 47 5.66 -10.60 -16.62
C GLY A 47 6.67 -9.46 -16.70
N VAL A 48 7.93 -9.85 -16.87
CA VAL A 48 9.02 -8.92 -17.09
C VAL A 48 9.15 -8.73 -18.60
N GLU A 49 9.27 -7.47 -19.02
CA GLU A 49 9.36 -7.16 -20.45
C GLU A 49 10.52 -6.19 -20.70
N LEU A 50 11.17 -6.38 -21.84
CA LEU A 50 12.19 -5.47 -22.34
C LEU A 50 11.56 -4.52 -23.34
N HIS A 51 11.83 -3.23 -23.20
CA HIS A 51 11.36 -2.22 -24.15
C HIS A 51 12.52 -1.32 -24.52
N GLU A 52 12.50 -0.83 -25.76
CA GLU A 52 13.62 -0.03 -26.26
C GLU A 52 13.85 1.20 -25.39
N PHE A 53 15.11 1.46 -25.06
CA PHE A 53 15.47 2.60 -24.22
C PHE A 53 16.94 2.93 -24.45
N GLY A 54 17.22 4.19 -24.74
CA GLY A 54 18.60 4.60 -24.98
C GLY A 54 19.19 3.85 -26.16
N PHE A 55 20.38 3.29 -25.96
CA PHE A 55 21.04 2.51 -27.00
C PHE A 55 20.59 1.06 -27.04
N GLY A 56 19.87 0.60 -26.01
CA GLY A 56 19.48 -0.79 -25.90
C GLY A 56 18.07 -0.97 -25.40
N GLU A 57 17.94 -1.72 -24.30
CA GLU A 57 16.64 -2.06 -23.73
C GLU A 57 16.65 -1.74 -22.24
N LEU A 58 15.46 -1.47 -21.72
CA LEU A 58 15.25 -1.29 -20.29
C LEU A 58 14.22 -2.29 -19.80
N GLU A 59 14.47 -2.88 -18.64
CA GLU A 59 13.59 -3.88 -18.07
C GLU A 59 12.40 -3.23 -17.38
N PHE A 60 11.22 -3.78 -17.61
CA PHE A 60 9.98 -3.32 -17.00
C PHE A 60 9.26 -4.51 -16.38
N ILE A 61 8.39 -4.23 -15.42
CA ILE A 61 7.37 -5.18 -14.99
C ILE A 61 6.02 -4.65 -15.42
N ARG A 62 5.17 -5.54 -15.90
CA ARG A 62 3.81 -5.19 -16.29
C ARG A 62 2.85 -5.77 -15.25
N VAL A 63 2.09 -4.89 -14.59
CA VAL A 63 1.12 -5.28 -13.59
C VAL A 63 -0.21 -4.60 -13.92
N GLU A 64 -1.28 -5.08 -13.29
CA GLU A 64 -2.59 -4.50 -13.51
C GLU A 64 -2.65 -3.08 -12.93
N ASN A 65 -3.45 -2.24 -13.56
CA ASN A 65 -3.81 -0.94 -13.00
C ASN A 65 -5.05 -1.15 -12.13
N LEU A 66 -4.91 -0.90 -10.83
CA LEU A 66 -5.98 -1.16 -9.89
C LEU A 66 -7.16 -0.21 -10.07
N MET A 67 -6.94 0.95 -10.68
CA MET A 67 -7.99 1.95 -10.88
C MET A 67 -8.49 1.98 -12.32
N TYR A 68 -8.30 0.89 -13.06
CA TYR A 68 -8.85 0.79 -14.41
C TYR A 68 -10.35 1.05 -14.40
N LYS A 69 -10.78 1.99 -15.24
CA LYS A 69 -12.19 2.36 -15.43
C LYS A 69 -12.81 3.02 -14.21
N TYR A 70 -11.99 3.52 -13.27
CA TYR A 70 -12.54 4.24 -12.12
C TYR A 70 -13.05 5.61 -12.54
N LYS A 71 -14.29 5.91 -12.15
CA LYS A 71 -14.90 7.19 -12.52
C LYS A 71 -14.48 8.31 -11.57
N ARG A 72 -14.73 8.14 -10.27
CA ARG A 72 -14.27 9.07 -9.24
C ARG A 72 -13.38 8.30 -8.28
N PRO A 73 -12.07 8.27 -8.54
CA PRO A 73 -11.18 7.48 -7.68
C PRO A 73 -11.01 8.09 -6.29
N PHE A 74 -10.97 7.22 -5.29
CA PHE A 74 -10.50 7.57 -3.96
C PHE A 74 -9.26 6.72 -3.68
N VAL A 75 -8.17 7.37 -3.30
CA VAL A 75 -6.87 6.72 -3.16
C VAL A 75 -6.29 7.03 -1.79
N LEU A 76 -5.76 6.02 -1.12
CA LEU A 76 -5.07 6.20 0.16
C LEU A 76 -3.86 5.26 0.20
N ASP A 77 -2.68 5.84 0.38
CA ASP A 77 -1.44 5.08 0.46
C ASP A 77 -0.98 5.03 1.90
N LEU A 78 -0.82 3.82 2.44
CA LEU A 78 -0.39 3.61 3.81
C LEU A 78 0.92 2.84 3.80
N LYS A 79 2.00 3.48 4.25
CA LYS A 79 3.31 2.86 4.28
C LYS A 79 3.44 1.97 5.52
N ILE A 80 3.90 0.74 5.31
CA ILE A 80 3.90 -0.29 6.35
C ILE A 80 5.32 -0.56 6.80
N GLY A 81 5.49 -0.78 8.10
CA GLY A 81 6.78 -1.10 8.68
C GLY A 81 7.11 -0.16 9.82
N THR A 82 7.95 -0.65 10.74
CA THR A 82 8.45 0.14 11.85
C THR A 82 9.69 0.95 11.48
N GLN A 83 10.16 0.84 10.24
CA GLN A 83 11.24 1.68 9.74
C GLN A 83 11.17 1.64 8.22
N THR A 84 11.55 2.75 7.59
CA THR A 84 11.52 2.88 6.14
C THR A 84 12.91 2.90 5.53
N TRP A 85 13.89 2.34 6.22
CA TRP A 85 15.25 2.20 5.72
C TRP A 85 15.68 0.75 5.92
N ASP A 86 16.59 0.29 5.07
CA ASP A 86 17.08 -1.08 5.12
C ASP A 86 18.60 -1.05 4.98
N PRO A 87 19.30 -2.19 5.01
CA PRO A 87 20.78 -2.14 4.94
C PRO A 87 21.35 -1.47 3.70
N GLU A 88 20.57 -1.30 2.63
CA GLU A 88 21.06 -0.67 1.41
C GLU A 88 20.73 0.81 1.30
N THR A 89 20.03 1.39 2.28
CA THR A 89 19.68 2.80 2.21
C THR A 89 20.92 3.68 2.23
N ALA A 90 20.95 4.68 1.35
CA ALA A 90 22.08 5.58 1.26
C ALA A 90 22.19 6.44 2.51
N SER A 91 23.44 6.68 2.94
CA SER A 91 23.68 7.42 4.18
C SER A 91 23.15 8.85 4.10
N SER A 92 23.17 9.45 2.91
CA SER A 92 22.68 10.82 2.76
C SER A 92 21.19 10.96 3.06
N LYS A 93 20.44 9.86 2.98
CA LYS A 93 19.01 9.87 3.27
C LYS A 93 18.68 9.45 4.71
N MET A 94 19.70 9.03 5.47
CA MET A 94 19.44 8.34 6.74
C MET A 94 18.89 9.27 7.81
N LYS A 95 19.44 10.48 7.93
CA LYS A 95 18.94 11.39 8.97
C LYS A 95 17.48 11.73 8.74
N LYS A 96 17.10 12.01 7.49
CA LYS A 96 15.70 12.28 7.18
C LYS A 96 14.84 11.05 7.45
N ARG A 97 15.34 9.86 7.11
CA ARG A 97 14.59 8.63 7.34
C ARG A 97 14.32 8.43 8.83
N LEU A 98 15.35 8.61 9.66
CA LEU A 98 15.20 8.39 11.09
C LEU A 98 14.23 9.40 11.70
N VAL A 99 14.27 10.65 11.25
CA VAL A 99 13.39 11.68 11.80
C VAL A 99 11.93 11.39 11.42
N VAL A 100 11.68 11.09 10.15
CA VAL A 100 10.31 10.88 9.70
C VAL A 100 9.72 9.61 10.33
N ASP A 101 10.55 8.56 10.47
CA ASP A 101 10.07 7.34 11.11
C ASP A 101 9.64 7.59 12.55
N SER A 102 10.44 8.36 13.29
CA SER A 102 10.20 8.58 14.72
C SER A 102 9.09 9.59 14.99
N THR A 103 8.96 10.60 14.14
CA THR A 103 7.96 11.66 14.34
C THR A 103 6.66 11.40 13.60
N SER A 104 6.55 10.28 12.89
CA SER A 104 5.29 9.80 12.37
C SER A 104 4.84 8.61 13.23
N THR A 105 3.81 7.92 12.78
CA THR A 105 3.33 6.73 13.49
C THR A 105 4.12 5.47 13.12
N THR A 106 5.17 5.59 12.31
CA THR A 106 5.89 4.43 11.81
C THR A 106 6.50 3.60 12.94
N THR A 107 7.30 4.23 13.80
CA THR A 107 7.96 3.47 14.85
C THR A 107 6.96 2.98 15.89
N SER A 108 5.91 3.75 16.16
CA SER A 108 4.96 3.39 17.20
C SER A 108 3.93 2.36 16.71
N LEU A 109 3.45 2.50 15.48
CA LEU A 109 2.37 1.67 14.96
C LEU A 109 2.78 0.73 13.84
N GLY A 110 3.92 0.97 13.19
CA GLY A 110 4.26 0.20 12.02
C GLY A 110 3.48 0.56 10.78
N VAL A 111 2.75 1.67 10.80
CA VAL A 111 1.95 2.12 9.66
C VAL A 111 1.81 3.63 9.77
N ARG A 112 1.85 4.32 8.63
CA ARG A 112 1.71 5.76 8.64
C ARG A 112 1.02 6.24 7.39
N PHE A 113 0.36 7.39 7.50
CA PHE A 113 -0.30 8.03 6.37
C PHE A 113 0.74 8.45 5.33
N SER A 114 0.47 8.15 4.06
CA SER A 114 1.40 8.46 2.98
C SER A 114 0.69 9.00 1.76
N GLY A 115 -0.35 9.82 1.96
CA GLY A 115 -1.02 10.47 0.85
C GLY A 115 -2.43 10.00 0.59
N MET A 116 -3.29 10.91 0.09
CA MET A 116 -4.70 10.61 -0.12
C MET A 116 -5.23 11.48 -1.25
N GLU A 117 -6.15 10.92 -2.04
CA GLU A 117 -6.87 11.67 -3.06
C GLU A 117 -8.36 11.35 -2.96
N ARG A 118 -9.18 12.39 -2.96
CA ARG A 118 -10.63 12.24 -2.88
C ARG A 118 -11.27 13.06 -3.99
N ASN A 119 -12.14 12.42 -4.77
CA ASN A 119 -12.89 13.09 -5.84
C ASN A 119 -14.36 13.13 -5.42
N ILE A 120 -14.82 14.30 -4.98
CA ILE A 120 -16.21 14.46 -4.57
C ILE A 120 -17.00 15.25 -5.62
N GLY A 121 -16.51 15.28 -6.87
CA GLY A 121 -17.17 16.05 -7.89
C GLY A 121 -17.09 17.55 -7.69
N GLU A 122 -16.03 18.04 -7.04
CA GLU A 122 -15.82 19.46 -6.80
C GLU A 122 -14.96 20.11 -7.88
N GLU A 123 -14.89 19.50 -9.06
CA GLU A 123 -14.28 19.99 -10.29
C GLU A 123 -12.75 19.92 -10.21
N LYS A 124 -12.20 19.52 -9.07
CA LYS A 124 -10.78 19.26 -8.92
C LYS A 124 -10.59 18.30 -7.77
N PRO A 125 -9.73 17.29 -7.89
CA PRO A 125 -9.51 16.36 -6.78
C PRO A 125 -8.89 17.08 -5.59
N ILE A 126 -9.22 16.60 -4.40
CA ILE A 126 -8.62 17.10 -3.16
C ILE A 126 -7.43 16.22 -2.84
N LEU A 127 -6.25 16.83 -2.74
CA LEU A 127 -5.00 16.11 -2.51
C LEU A 127 -4.55 16.33 -1.07
N TYR A 128 -4.29 15.25 -0.35
CA TYR A 128 -3.76 15.31 1.01
C TYR A 128 -2.31 14.83 0.95
N SER A 129 -1.38 15.76 1.21
CA SER A 129 0.03 15.46 1.04
C SER A 129 0.51 14.40 2.01
N ARG A 130 1.44 13.57 1.55
CA ARG A 130 2.05 12.57 2.43
C ARG A 130 2.86 13.20 3.54
N TYR A 131 3.29 14.46 3.38
CA TYR A 131 4.04 15.15 4.42
C TYR A 131 3.17 15.55 5.60
N LEU A 132 1.85 15.34 5.52
CA LEU A 132 0.98 15.52 6.67
C LEU A 132 1.24 14.50 7.78
N CYS A 133 2.03 13.47 7.50
CA CYS A 133 2.18 12.34 8.43
C CYS A 133 2.90 12.75 9.71
N THR A 134 3.83 13.71 9.65
CA THR A 134 4.57 14.08 10.84
C THR A 134 3.92 15.22 11.63
N HIS A 135 2.89 15.86 11.08
CA HIS A 135 2.22 16.97 11.76
C HIS A 135 0.75 16.71 12.06
N GLU A 136 -0.08 16.43 11.04
CA GLU A 136 -1.51 16.28 11.26
C GLU A 136 -1.99 14.84 11.40
N VAL A 137 -1.19 13.86 10.97
CA VAL A 137 -1.61 12.46 11.05
C VAL A 137 -0.58 11.68 11.86
N ASN A 138 0.00 12.33 12.87
CA ASN A 138 1.09 11.76 13.65
C ASN A 138 0.63 11.01 14.89
N THR A 139 -0.65 10.68 15.00
CA THR A 139 -1.17 9.88 16.11
C THR A 139 -2.09 8.79 15.57
N ARG A 140 -2.36 7.80 16.41
CA ARG A 140 -3.30 6.75 16.04
C ARG A 140 -4.70 7.29 15.82
N ASP A 141 -5.14 8.21 16.69
CA ASP A 141 -6.46 8.80 16.55
C ASP A 141 -6.56 9.62 15.26
N SER A 142 -5.54 10.42 14.96
CA SER A 142 -5.56 11.20 13.72
C SER A 142 -5.49 10.30 12.50
N LEU A 143 -4.72 9.21 12.58
CA LEU A 143 -4.69 8.25 11.49
C LEU A 143 -6.06 7.60 11.29
N LYS A 144 -6.76 7.31 12.38
CA LYS A 144 -8.09 6.74 12.27
C LYS A 144 -9.06 7.69 11.59
N GLU A 145 -8.96 8.99 11.90
CA GLU A 145 -9.87 9.97 11.30
C GLU A 145 -9.63 10.12 9.80
N TYR A 146 -8.36 10.13 9.38
CA TYR A 146 -8.06 10.30 7.96
C TYR A 146 -8.49 9.09 7.15
N ILE A 147 -8.38 7.88 7.71
CA ILE A 147 -8.92 6.70 7.04
C ILE A 147 -10.44 6.77 6.97
N LYS A 148 -11.08 7.30 8.02
CA LYS A 148 -12.51 7.54 7.97
C LYS A 148 -12.87 8.53 6.88
N LEU A 149 -12.05 9.58 6.72
CA LEU A 149 -12.28 10.56 5.66
C LEU A 149 -12.12 9.93 4.28
N PHE A 150 -11.22 8.95 4.16
CA PHE A 150 -11.08 8.22 2.90
C PHE A 150 -12.39 7.51 2.54
N PHE A 151 -13.06 6.93 3.53
CA PHE A 151 -14.33 6.25 3.32
C PHE A 151 -15.50 7.22 3.18
N ASN A 152 -15.25 8.52 3.25
CA ASN A 152 -16.28 9.54 3.06
C ASN A 152 -16.22 9.97 1.60
N ASP A 153 -17.25 9.63 0.84
CA ASP A 153 -17.31 9.94 -0.58
C ASP A 153 -17.81 11.35 -0.87
N GLY A 154 -18.02 12.17 0.16
CA GLY A 154 -18.56 13.50 0.02
C GLY A 154 -20.02 13.62 0.39
N LYS A 155 -20.75 12.51 0.36
CA LYS A 155 -22.15 12.47 0.80
C LYS A 155 -22.38 11.60 2.01
N LYS A 156 -21.60 10.53 2.17
CA LYS A 156 -21.84 9.57 3.25
C LYS A 156 -20.54 8.82 3.52
N TYR A 157 -20.54 8.07 4.61
CA TYR A 157 -19.45 7.15 4.92
C TYR A 157 -19.77 5.80 4.33
N ARG A 158 -18.89 5.29 3.46
CA ARG A 158 -19.12 4.01 2.79
C ARG A 158 -18.75 2.88 3.75
N LYS A 159 -19.57 2.75 4.80
CA LYS A 159 -19.33 1.77 5.85
C LYS A 159 -19.44 0.34 5.33
N GLU A 160 -20.20 0.12 4.25
CA GLU A 160 -20.34 -1.22 3.70
C GLU A 160 -19.05 -1.73 3.08
N LEU A 161 -18.16 -0.83 2.66
CA LEU A 161 -16.90 -1.23 2.04
C LEU A 161 -15.87 -1.70 3.06
N VAL A 162 -16.03 -1.33 4.33
CA VAL A 162 -14.99 -1.64 5.33
C VAL A 162 -14.74 -3.14 5.48
N PRO A 163 -15.76 -4.02 5.53
CA PRO A 163 -15.45 -5.45 5.71
C PRO A 163 -14.54 -6.03 4.65
N TYR A 164 -14.62 -5.55 3.41
CA TYR A 164 -13.70 -6.02 2.38
C TYR A 164 -12.26 -5.68 2.74
N PHE A 165 -12.01 -4.46 3.24
CA PHE A 165 -10.65 -4.04 3.53
C PHE A 165 -10.06 -4.81 4.71
N ILE A 166 -10.88 -5.08 5.74
CA ILE A 166 -10.40 -5.91 6.85
C ILE A 166 -10.11 -7.32 6.36
N SER A 167 -10.96 -7.85 5.48
CA SER A 167 -10.73 -9.18 4.93
C SER A 167 -9.43 -9.25 4.14
N GLN A 168 -9.13 -8.19 3.37
CA GLN A 168 -7.87 -8.13 2.64
C GLN A 168 -6.68 -8.13 3.58
N LEU A 169 -6.77 -7.36 4.67
CA LEU A 169 -5.67 -7.35 5.64
C LEU A 169 -5.50 -8.70 6.31
N ASP A 170 -6.61 -9.44 6.51
CA ASP A 170 -6.51 -10.76 7.11
C ASP A 170 -5.69 -11.71 6.23
N LYS A 171 -5.94 -11.69 4.92
CA LYS A 171 -5.16 -12.52 4.03
C LYS A 171 -3.71 -12.07 3.96
N MET A 172 -3.47 -10.76 4.07
CA MET A 172 -2.10 -10.25 4.12
C MET A 172 -1.37 -10.77 5.35
N ILE A 173 -2.05 -10.73 6.51
CA ILE A 173 -1.43 -11.18 7.75
C ILE A 173 -1.09 -12.66 7.67
N GLU A 174 -1.99 -13.46 7.08
CA GLU A 174 -1.79 -14.90 7.03
C GLU A 174 -0.51 -15.25 6.27
N VAL A 175 -0.25 -14.59 5.15
CA VAL A 175 0.94 -14.93 4.37
C VAL A 175 2.20 -14.36 5.00
N MET A 176 2.12 -13.17 5.63
CA MET A 176 3.32 -12.55 6.19
C MET A 176 3.78 -13.16 7.50
N LYS A 177 2.92 -13.91 8.20
CA LYS A 177 3.39 -14.64 9.38
C LYS A 177 4.42 -15.71 9.02
N LYS A 178 4.42 -16.18 7.76
CA LYS A 178 5.42 -17.15 7.33
C LYS A 178 6.83 -16.56 7.35
N ARG A 179 6.96 -15.24 7.29
CA ARG A 179 8.23 -14.53 7.44
C ARG A 179 9.27 -15.02 6.42
N GLU A 180 8.82 -15.23 5.19
CA GLU A 180 9.72 -15.60 4.11
C GLU A 180 10.33 -14.39 3.40
N TYR A 181 9.80 -13.20 3.64
CA TYR A 181 10.28 -11.99 2.99
C TYR A 181 10.25 -10.83 3.97
N LYS A 182 11.19 -9.91 3.80
CA LYS A 182 11.18 -8.63 4.50
C LYS A 182 10.98 -7.51 3.50
N MET A 183 10.10 -6.57 3.83
CA MET A 183 9.70 -5.52 2.92
C MET A 183 9.85 -4.17 3.60
N PHE A 184 10.54 -3.24 2.95
CA PHE A 184 10.79 -1.91 3.48
C PHE A 184 10.28 -0.86 2.50
N SER A 185 9.63 0.17 3.03
CA SER A 185 9.01 1.25 2.27
C SER A 185 7.91 0.77 1.34
N SER A 186 7.41 -0.44 1.53
CA SER A 186 6.25 -0.92 0.80
C SER A 186 4.97 -0.35 1.43
N SER A 187 3.87 -0.45 0.70
CA SER A 187 2.63 0.17 1.12
C SER A 187 1.47 -0.80 0.92
N VAL A 188 0.39 -0.55 1.66
CA VAL A 188 -0.92 -1.10 1.36
C VAL A 188 -1.75 0.02 0.74
N LEU A 189 -2.25 -0.21 -0.47
CA LEU A 189 -2.96 0.82 -1.22
C LEU A 189 -4.46 0.58 -1.09
N PHE A 190 -5.18 1.61 -0.64
CA PHE A 190 -6.63 1.61 -0.56
C PHE A 190 -7.18 2.41 -1.75
N VAL A 191 -8.05 1.79 -2.54
CA VAL A 191 -8.71 2.49 -3.64
C VAL A 191 -10.16 2.04 -3.73
N TYR A 192 -11.02 2.95 -4.17
CA TYR A 192 -12.38 2.60 -4.57
C TYR A 192 -12.92 3.71 -5.47
N ASP A 193 -13.91 3.33 -6.28
CA ASP A 193 -14.63 4.26 -7.14
C ASP A 193 -15.94 4.60 -6.43
N SER A 194 -16.16 5.89 -6.18
CA SER A 194 -17.33 6.29 -5.42
C SER A 194 -18.64 5.97 -6.13
N THR A 195 -18.61 5.83 -7.45
CA THR A 195 -19.79 5.45 -8.22
C THR A 195 -20.07 3.95 -8.18
N THR A 196 -19.24 3.18 -7.49
CA THR A 196 -19.38 1.73 -7.47
C THR A 196 -20.53 1.31 -6.56
N THR A 197 -21.01 0.09 -6.82
CA THR A 197 -21.82 -0.68 -5.89
C THR A 197 -20.98 -1.84 -5.37
N LEU A 198 -21.52 -2.56 -4.38
CA LEU A 198 -20.79 -3.72 -3.88
C LEU A 198 -20.65 -4.80 -4.94
N GLU A 199 -21.59 -4.85 -5.89
CA GLU A 199 -21.53 -5.84 -6.97
C GLU A 199 -20.62 -5.41 -8.10
N ASP A 200 -20.46 -4.10 -8.31
CA ASP A 200 -19.50 -3.64 -9.32
C ASP A 200 -18.07 -4.01 -8.94
N LYS A 201 -17.80 -4.13 -7.64
CA LYS A 201 -16.50 -4.57 -7.12
C LYS A 201 -15.38 -3.65 -7.58
N LYS A 202 -15.67 -2.36 -7.72
CA LYS A 202 -14.65 -1.36 -8.08
C LYS A 202 -14.04 -0.77 -6.81
N TYR A 203 -13.43 -1.65 -6.02
CA TYR A 203 -12.65 -1.28 -4.85
C TYR A 203 -11.54 -2.32 -4.71
N ASN A 204 -10.44 -1.91 -4.06
CA ASN A 204 -9.29 -2.79 -4.00
C ASN A 204 -8.41 -2.43 -2.81
N CYS A 205 -7.64 -3.42 -2.36
CA CYS A 205 -6.70 -3.24 -1.25
C CYS A 205 -5.55 -4.22 -1.49
N LYS A 206 -4.36 -3.69 -1.80
CA LYS A 206 -3.23 -4.50 -2.24
C LYS A 206 -1.94 -3.99 -1.62
N MET A 207 -0.99 -4.90 -1.39
CA MET A 207 0.39 -4.48 -1.14
C MET A 207 1.03 -4.09 -2.47
N ILE A 208 1.89 -3.07 -2.43
CA ILE A 208 2.57 -2.56 -3.62
C ILE A 208 3.99 -2.12 -3.27
N ASP A 209 4.76 -1.79 -4.31
CA ASP A 209 6.08 -1.15 -4.19
C ASP A 209 7.07 -2.02 -3.41
N PHE A 210 7.51 -3.10 -4.08
CA PHE A 210 8.43 -4.07 -3.51
C PHE A 210 9.88 -3.83 -3.93
N ALA A 211 10.27 -2.57 -4.12
CA ALA A 211 11.62 -2.24 -4.56
C ALA A 211 12.68 -2.51 -3.50
N HIS A 212 12.30 -2.78 -2.26
CA HIS A 212 13.25 -3.11 -1.20
C HIS A 212 12.83 -4.39 -0.48
N ASN A 213 12.37 -5.37 -1.25
CA ASN A 213 12.01 -6.67 -0.71
C ASN A 213 13.23 -7.58 -0.66
N TRP A 214 13.39 -8.29 0.45
CA TRP A 214 14.49 -9.21 0.66
C TRP A 214 13.95 -10.63 0.68
N ILE A 215 14.58 -11.52 -0.09
CA ILE A 215 14.18 -12.92 -0.18
C ILE A 215 15.04 -13.68 0.81
N LEU A 216 14.45 -14.01 1.97
CA LEU A 216 15.22 -14.55 3.08
C LEU A 216 15.79 -15.94 2.78
N SER A 217 15.27 -16.64 1.77
CA SER A 217 15.84 -17.90 1.36
C SER A 217 17.11 -17.75 0.53
N GLU A 218 17.43 -16.53 0.09
CA GLU A 218 18.56 -16.27 -0.78
C GLU A 218 19.55 -15.27 -0.21
N GLU A 219 19.21 -14.56 0.86
CA GLU A 219 20.06 -13.48 1.36
C GLU A 219 19.69 -13.19 2.80
N GLU A 220 20.61 -12.51 3.50
CA GLU A 220 20.43 -12.11 4.88
C GLU A 220 19.97 -10.66 4.97
N CYS A 221 19.01 -10.40 5.84
CA CYS A 221 18.60 -9.05 6.20
C CYS A 221 18.52 -8.97 7.71
N THR A 222 19.51 -8.33 8.32
CA THR A 222 19.62 -8.34 9.78
C THR A 222 18.50 -7.56 10.43
N VAL A 223 18.19 -6.37 9.92
CA VAL A 223 17.19 -5.51 10.56
C VAL A 223 15.79 -6.08 10.35
N GLU A 224 14.90 -5.73 11.26
CA GLU A 224 13.51 -6.15 11.18
C GLU A 224 12.69 -5.08 10.46
N ASP A 225 11.64 -5.54 9.76
CA ASP A 225 10.77 -4.61 9.06
C ASP A 225 9.55 -4.20 9.87
N GLY A 226 9.14 -5.00 10.85
CA GLY A 226 7.92 -4.70 11.59
C GLY A 226 6.68 -4.70 10.73
N PHE A 227 6.69 -5.46 9.63
CA PHE A 227 5.58 -5.43 8.69
C PHE A 227 4.33 -6.07 9.27
N LEU A 228 4.47 -7.24 9.89
CA LEU A 228 3.33 -7.90 10.52
C LEU A 228 2.77 -7.05 11.66
N PHE A 229 3.66 -6.40 12.41
CA PHE A 229 3.22 -5.48 13.47
C PHE A 229 2.38 -4.35 12.89
N GLY A 230 2.80 -3.79 11.75
CA GLY A 230 2.02 -2.73 11.13
C GLY A 230 0.68 -3.21 10.59
N LEU A 231 0.66 -4.40 9.98
CA LEU A 231 -0.59 -4.93 9.45
C LEU A 231 -1.61 -5.15 10.54
N ASN A 232 -1.17 -5.68 11.69
CA ASN A 232 -2.09 -5.91 12.80
C ASN A 232 -2.66 -4.60 13.34
N ASN A 233 -1.81 -3.58 13.48
CA ASN A 233 -2.29 -2.28 13.96
C ASN A 233 -3.26 -1.65 12.98
N LEU A 234 -3.00 -1.80 11.67
CA LEU A 234 -3.91 -1.23 10.69
C LEU A 234 -5.25 -1.97 10.68
N LYS A 235 -5.22 -3.29 10.87
CA LYS A 235 -6.46 -4.05 11.00
C LYS A 235 -7.24 -3.60 12.23
N SER A 236 -6.54 -3.36 13.34
CA SER A 236 -7.20 -2.90 14.55
C SER A 236 -7.89 -1.57 14.35
N ILE A 237 -7.25 -0.65 13.61
CA ILE A 237 -7.84 0.65 13.34
C ILE A 237 -9.11 0.51 12.51
N LEU A 238 -9.06 -0.34 11.48
CA LEU A 238 -10.27 -0.54 10.66
C LEU A 238 -11.38 -1.20 11.45
N GLU A 239 -11.03 -2.10 12.38
CA GLU A 239 -12.06 -2.70 13.23
C GLU A 239 -12.66 -1.67 14.17
N ASP A 240 -11.84 -0.72 14.66
CA ASP A 240 -12.39 0.39 15.44
C ASP A 240 -13.29 1.25 14.58
N ILE A 241 -12.91 1.49 13.32
CA ILE A 241 -13.75 2.27 12.42
C ILE A 241 -15.07 1.55 12.15
N GLU A 242 -15.02 0.23 11.98
CA GLU A 242 -16.25 -0.55 11.80
C GLU A 242 -17.17 -0.40 13.00
N ASN A 243 -16.63 -0.50 14.21
CA ASN A 243 -17.45 -0.39 15.40
C ASN A 243 -18.00 1.02 15.59
N GLU A 244 -17.26 2.03 15.14
CA GLU A 244 -17.68 3.42 15.30
C GLU A 244 -18.65 3.87 14.21
N PHE A 245 -18.66 3.21 13.06
CA PHE A 245 -19.66 3.48 12.03
C PHE A 245 -21.01 2.84 12.32
N LYS A 246 -21.12 2.06 13.39
CA LYS A 246 -22.40 1.46 13.75
C LYS A 246 -23.42 2.51 14.17
N SER A 247 -22.97 3.62 14.73
CA SER A 247 -23.86 4.67 15.20
C SER A 247 -24.47 5.48 14.07
N LEU A 248 -24.13 5.19 12.82
CA LEU A 248 -24.68 5.90 11.68
C LEU A 248 -26.09 5.43 11.36
MG MG B . 5.81 3.65 -2.53
MG MG C . 9.21 2.69 -4.53
PG ATP D . 7.87 5.80 -4.13
O1G ATP D . 6.48 5.67 -3.55
O2G ATP D . 8.84 4.73 -3.74
O3G ATP D . 8.41 7.20 -3.97
PB ATP D . 7.55 4.45 -6.66
O1B ATP D . 7.51 4.75 -8.12
O2B ATP D . 8.02 3.08 -6.31
O3B ATP D . 7.77 5.65 -5.74
PA ATP D . 5.00 3.21 -6.84
O1A ATP D . 4.91 2.79 -8.28
O2A ATP D . 4.25 2.46 -5.79
O3A ATP D . 5.93 4.36 -6.46
O5' ATP D . 3.82 4.11 -7.24
C5' ATP D . 2.68 4.34 -7.61
C4' ATP D . 1.72 5.45 -7.89
O4' ATP D . 0.62 4.81 -8.48
C3' ATP D . 1.53 5.52 -6.33
O3' ATP D . 1.31 6.80 -5.87
C2' ATP D . 0.41 4.45 -6.08
O2' ATP D . -0.62 5.11 -5.42
C1' ATP D . -0.10 4.10 -7.53
N9 ATP D . -0.01 2.66 -7.83
C8 ATP D . 0.97 1.70 -7.45
N7 ATP D . 0.72 0.48 -7.93
C5 ATP D . -0.48 0.65 -8.63
C6 ATP D . -1.30 -0.19 -9.36
N6 ATP D . -0.98 -1.51 -9.49
N1 ATP D . -2.44 0.25 -9.97
C2 ATP D . -2.75 1.55 -9.84
N3 ATP D . -2.07 2.49 -9.17
C4 ATP D . -0.94 1.99 -8.58
C ACT E . 14.41 2.35 1.47
O ACT E . 15.62 2.63 1.23
OXT ACT E . 13.37 3.00 1.13
CH3 ACT E . 14.15 1.04 2.27
C ACT F . 3.85 -1.98 -7.65
O ACT F . 4.38 -3.03 -7.20
OXT ACT F . 4.13 -0.78 -7.40
CH3 ACT F . 2.65 -2.22 -8.63
C1 EDO G . -0.80 8.12 -3.21
O1 EDO G . -0.71 8.05 -4.63
C2 EDO G . -2.16 8.66 -2.80
O2 EDO G . -2.34 9.96 -3.37
#